data_7L3R
#
_entry.id   7L3R
#
_cell.length_a   29.537
_cell.length_b   29.537
_cell.length_c   76.302
_cell.angle_alpha   90.000
_cell.angle_beta   90.000
_cell.angle_gamma   90.000
#
_symmetry.space_group_name_H-M   'P 43'
#
loop_
_entity.id
_entity.type
_entity.pdbx_description
1 polymer 'RNA (27-MER)'
2 non-polymer GLYCEROL
3 water water
#
_entity_poly.entity_id   1
_entity_poly.type   'polyribonucleotide'
_entity_poly.pdbx_seq_one_letter_code
;UGCUCCUAGUACGAGAGGACCGG(XNY)GUG
;
_entity_poly.pdbx_strand_id   A
#